data_1RR8
#
_entry.id   1RR8
#
_cell.length_a   57.59
_cell.length_b   115.585
_cell.length_c   75.010
_cell.angle_alpha   90.00
_cell.angle_beta   96.29
_cell.angle_gamma   90.00
#
_symmetry.space_group_name_H-M   'P 1 21 1'
#
loop_
_entity.id
_entity.type
_entity.pdbx_description
1 polymer "5'-D(*AP*AP*AP*AP*AP*GP*AP*CP*TP*T*GP*GP*AP*AP*AP*AP*AP*TP*TP*TP*TP*T)-3'"
2 polymer "5'-D(*AP*AP*AP*AP*AP*TP*TP*TP*TP*TP*CP*CP*AP*AP*GP*TP*CP*TP*TP*TP*TP*T)-3'"
3 polymer 'DNA topoisomerase I'
4 non-polymer '2-(1-DIMETHYLAMINOMETHYL-2-HYDROXY-8-HYDROXYMETHYL-9-OXO-9,11-DIHYDRO-INDOLIZINO[1,2-B]QUINOLIN-7-YL)-2-HYDROXY-BUTYRIC ACID'
5 non-polymer "(S)-10-[(DIMETHYLAMINO)METHYL]-4-ETHYL-4,9-DIHYDROXY-1H-PYRANO[3',4':6,7]INOLIZINO[1,2-B]-QUINOLINE-3,14(4H,12H)-DIONE"
6 water water
#
loop_
_entity_poly.entity_id
_entity_poly.type
_entity_poly.pdbx_seq_one_letter_code
_entity_poly.pdbx_strand_id
1 'polydeoxyribonucleotide'
;(DA)(DA)(DA)(DA)(DA)(DG)(DA)(DC)(DT)(DT)(DG)(DG)(DA)(DA)(DA)(DA)(DA)(DT)(DT)(DT)
(DT)(DT)
;
A
2 'polydeoxyribonucleotide'
;(DA)(DA)(DA)(DA)(DA)(DT)(DT)(DT)(DT)(DT)(DC)(DC)(DA)(DA)(DG)(DT)(DC)(DT)(DT)(DT)
(DT)(DT)
;
B
3 'polypeptide(L)'
;AAWKWWEEERYPEGIKWKFLEHKGPVFAPPYEPLPENVKFYYDGKVMKLSPKAEEVATFFAKMLDHEYTTKEIFRKNFFK
DWRKEMTNEEKNIITNLSKCDFTQMSQYFKAQTEARKQMSKEEKLKIKEENEKLLKEYGFCIMDNHKERIANFKIEPPGL
SRGRGNHPKMGMLKRRIMPEDIIINCSKDAKVPSPPPGHKWKEVRHDNKVTWLVSWTENIQGSIKYIMLNPSSRIKGEKD
WQKYETARRLKKCVDKIRNQYREDWKSKEMKVRQRAVALYFIDKLALRAGNEKEEGETADTVGCCSLRVEHINLHPELDG
QEYVVEFDFLGKDSIRYYNKVPVEKRVFKNLQLFMENKQPEDDLFDRLNTGILNKHLQDLMEGLTAKVFRTYNASITLQQ
QLKELTAPDENIPAKILSYNRANRAVAILCNHQQAPPKTFEKSMMNLQTKIDAKKEQLADARRDLKSAKADAKVMKDAKT
KKVVESKKKAVQRLEEQLMKLEVQATDREENKQIALGTSKLN(PTR)LDPRITVAWCKKWGVPIEKIYNKTQREKFAWAI
DMADEDYEF
;
C
#
loop_
_chem_comp.id
_chem_comp.type
_chem_comp.name
_chem_comp.formula
DA DNA linking 2'-DEOXYADENOSINE-5'-MONOPHOSPHATE 'C10 H14 N5 O6 P'
DC DNA linking 2'-DEOXYCYTIDINE-5'-MONOPHOSPHATE 'C9 H14 N3 O7 P'
DG DNA linking 2'-DEOXYGUANOSINE-5'-MONOPHOSPHATE 'C10 H14 N5 O7 P'
DT DNA linking THYMIDINE-5'-MONOPHOSPHATE 'C10 H15 N2 O8 P'
TTC non-polymer (S)-10-[(DIMETHYLAMINO)METHYL]-4-ETHYL-4,9-DIHYDROXY-1H-PYRANO[3',4':6,7]INOLIZINO[1,2-B]-QUINOLINE-3,14(4H,12H)-DIONE 'C23 H23 N3 O5'
TTG non-polymer '2-(1-DIMETHYLAMINOMETHYL-2-HYDROXY-8-HYDROXYMETHYL-9-OXO-9,11-DIHYDRO-INDOLIZINO[1,2-B]QUINOLIN-7-YL)-2-HYDROXY-BUTYRIC ACID' 'C23 H25 N3 O6'
#
# COMPACT_ATOMS: atom_id res chain seq x y z
N ALA C 1 28.89 12.66 9.10
CA ALA C 1 28.30 11.86 10.21
C ALA C 1 26.77 11.82 10.14
N ALA C 2 26.19 10.66 10.48
CA ALA C 2 24.73 10.46 10.47
C ALA C 2 24.03 11.15 11.65
N TRP C 3 22.84 11.68 11.37
CA TRP C 3 22.03 12.38 12.36
C TRP C 3 21.15 11.43 13.19
N LYS C 4 21.33 11.55 14.50
CA LYS C 4 20.57 10.75 15.46
C LYS C 4 19.39 11.59 15.94
N TRP C 5 18.33 11.65 15.13
CA TRP C 5 17.13 12.43 15.45
C TRP C 5 16.32 11.96 16.65
N TRP C 6 16.61 10.74 17.08
CA TRP C 6 15.95 10.10 18.22
C TRP C 6 16.46 10.58 19.60
N GLU C 7 17.64 11.20 19.60
CA GLU C 7 18.24 11.74 20.82
C GLU C 7 17.78 13.17 21.04
N GLU C 8 17.13 13.73 20.02
CA GLU C 8 16.61 15.10 20.06
C GLU C 8 15.31 15.17 20.84
N GLU C 9 14.92 16.40 21.19
CA GLU C 9 13.69 16.66 21.91
C GLU C 9 12.57 16.49 20.90
N ARG C 10 11.65 15.58 21.21
CA ARG C 10 10.49 15.24 20.37
C ARG C 10 9.80 16.44 19.75
N TYR C 11 9.59 16.37 18.44
CA TYR C 11 8.96 17.43 17.65
C TYR C 11 7.52 17.71 18.11
N PRO C 12 7.20 19.00 18.44
CA PRO C 12 5.86 19.42 18.90
C PRO C 12 4.73 19.18 17.88
N GLU C 13 3.54 18.88 18.41
CA GLU C 13 2.34 18.64 17.60
C GLU C 13 1.79 19.93 17.01
N GLY C 14 1.22 19.83 15.81
CA GLY C 14 0.66 20.97 15.12
C GLY C 14 1.49 21.32 13.89
N ILE C 15 2.57 22.07 14.11
CA ILE C 15 3.49 22.48 13.05
C ILE C 15 4.46 21.34 12.74
N LYS C 16 4.57 21.00 11.45
CA LYS C 16 5.42 19.91 10.99
C LYS C 16 6.85 20.31 10.66
N TRP C 17 7.07 21.58 10.32
CA TRP C 17 8.40 22.12 9.99
C TRP C 17 8.49 23.64 10.09
N LYS C 18 9.73 24.14 10.12
CA LYS C 18 10.03 25.57 10.20
C LYS C 18 10.69 26.03 8.90
N PHE C 19 11.39 25.11 8.26
CA PHE C 19 12.09 25.35 7.01
C PHE C 19 11.93 24.13 6.08
N LEU C 20 11.79 24.40 4.77
CA LEU C 20 11.66 23.37 3.74
C LEU C 20 12.07 23.88 2.36
N GLU C 21 13.04 23.20 1.75
CA GLU C 21 13.55 23.53 0.42
C GLU C 21 13.96 22.27 -0.33
N HIS C 22 13.50 22.19 -1.59
CA HIS C 22 13.77 21.08 -2.53
C HIS C 22 13.76 21.55 -3.99
N LYS C 23 14.31 20.72 -4.88
CA LYS C 23 14.37 21.03 -6.31
C LYS C 23 13.16 20.59 -7.15
N GLY C 24 12.06 20.27 -6.48
CA GLY C 24 10.84 19.86 -7.16
C GLY C 24 10.86 18.44 -7.69
N PRO C 25 9.83 18.00 -8.44
CA PRO C 25 9.76 16.64 -8.98
C PRO C 25 10.46 16.40 -10.32
N VAL C 26 10.83 15.14 -10.58
CA VAL C 26 11.42 14.77 -11.86
C VAL C 26 10.28 14.18 -12.68
N PHE C 27 10.01 14.80 -13.81
CA PHE C 27 8.95 14.38 -14.70
C PHE C 27 9.29 13.13 -15.48
N ALA C 28 8.23 12.40 -15.84
CA ALA C 28 8.31 11.17 -16.60
C ALA C 28 9.02 11.42 -17.93
N PRO C 29 9.93 10.48 -18.35
CA PRO C 29 10.68 10.60 -19.61
C PRO C 29 9.73 10.83 -20.78
N PRO C 30 10.08 11.75 -21.71
CA PRO C 30 9.22 12.03 -22.85
C PRO C 30 9.00 10.88 -23.83
N TYR C 31 7.84 10.91 -24.48
CA TYR C 31 7.43 9.92 -25.47
C TYR C 31 8.37 9.88 -26.68
N GLU C 32 8.96 8.72 -26.91
CA GLU C 32 9.84 8.51 -28.06
C GLU C 32 8.87 8.01 -29.15
N PRO C 33 8.72 8.77 -30.25
CA PRO C 33 7.81 8.38 -31.34
C PRO C 33 8.17 7.10 -32.05
N LEU C 34 7.17 6.51 -32.71
CA LEU C 34 7.36 5.30 -33.47
C LEU C 34 8.07 5.66 -34.78
N PRO C 35 9.09 4.86 -35.18
CA PRO C 35 9.80 5.16 -36.44
C PRO C 35 8.90 4.87 -37.66
N GLU C 36 9.40 5.17 -38.85
CA GLU C 36 8.64 4.97 -40.09
C GLU C 36 8.24 3.53 -40.38
N ASN C 37 9.18 2.59 -40.17
CA ASN C 37 8.94 1.17 -40.43
C ASN C 37 7.92 0.44 -39.53
N VAL C 38 7.64 1.02 -38.36
CA VAL C 38 6.68 0.46 -37.41
C VAL C 38 5.31 1.09 -37.65
N LYS C 39 4.54 0.41 -38.49
CA LYS C 39 3.23 0.88 -38.91
C LYS C 39 2.04 0.30 -38.15
N PHE C 40 0.97 1.09 -38.09
CA PHE C 40 -0.28 0.73 -37.46
C PHE C 40 -1.30 0.45 -38.57
N TYR C 41 -2.17 -0.53 -38.32
CA TYR C 41 -3.19 -0.91 -39.27
C TYR C 41 -4.62 -0.82 -38.74
N TYR C 42 -5.52 -0.43 -39.62
CA TYR C 42 -6.94 -0.35 -39.35
C TYR C 42 -7.61 -0.92 -40.61
N ASP C 43 -8.39 -1.99 -40.43
CA ASP C 43 -9.11 -2.71 -41.50
C ASP C 43 -8.16 -3.29 -42.55
N GLY C 44 -6.91 -3.52 -42.14
CA GLY C 44 -5.89 -4.05 -43.03
C GLY C 44 -5.09 -2.99 -43.76
N LYS C 45 -5.56 -1.74 -43.70
CA LYS C 45 -4.90 -0.61 -44.36
C LYS C 45 -4.06 0.22 -43.39
N VAL C 46 -2.94 0.74 -43.89
CA VAL C 46 -2.02 1.59 -43.11
C VAL C 46 -2.71 2.90 -42.70
N MET C 47 -2.38 3.36 -41.49
CA MET C 47 -2.92 4.60 -40.95
C MET C 47 -1.92 5.21 -39.97
N LYS C 48 -1.41 6.39 -40.32
CA LYS C 48 -0.48 7.11 -39.46
C LYS C 48 -1.33 7.86 -38.46
N LEU C 49 -1.03 7.61 -37.19
CA LEU C 49 -1.76 8.24 -36.09
C LEU C 49 -1.09 9.51 -35.63
N SER C 50 -1.90 10.46 -35.15
CA SER C 50 -1.44 11.74 -34.62
C SER C 50 -0.65 11.44 -33.33
N PRO C 51 0.37 12.25 -32.96
CA PRO C 51 1.16 12.03 -31.74
C PRO C 51 0.42 11.63 -30.45
N LYS C 52 -0.70 12.29 -30.17
CA LYS C 52 -1.51 12.03 -28.98
C LYS C 52 -2.14 10.63 -29.00
N ALA C 53 -2.75 10.28 -30.14
CA ALA C 53 -3.40 8.98 -30.36
C ALA C 53 -2.40 7.82 -30.42
N GLU C 54 -1.26 8.08 -31.05
CA GLU C 54 -0.17 7.12 -31.21
C GLU C 54 0.46 6.81 -29.86
N GLU C 55 0.42 7.79 -28.93
CA GLU C 55 0.99 7.56 -27.60
C GLU C 55 0.09 6.60 -26.81
N VAL C 56 -1.22 6.79 -26.93
CA VAL C 56 -2.17 5.96 -26.21
C VAL C 56 -2.18 4.54 -26.79
N ALA C 57 -1.98 4.44 -28.10
CA ALA C 57 -1.95 3.16 -28.82
C ALA C 57 -0.77 2.28 -28.39
N THR C 58 0.35 2.91 -28.02
CA THR C 58 1.55 2.19 -27.58
C THR C 58 1.38 1.45 -26.26
N PHE C 59 0.59 2.03 -25.37
CA PHE C 59 0.32 1.45 -24.05
C PHE C 59 -0.42 0.14 -24.16
N PHE C 60 -1.36 0.09 -25.12
CA PHE C 60 -2.16 -1.10 -25.40
C PHE C 60 -1.28 -2.16 -26.07
N ALA C 61 -0.46 -1.72 -27.03
CA ALA C 61 0.46 -2.60 -27.76
C ALA C 61 1.41 -3.38 -26.84
N LYS C 62 1.91 -2.69 -25.82
CA LYS C 62 2.84 -3.25 -24.83
C LYS C 62 2.20 -4.25 -23.88
N MET C 63 0.90 -4.13 -23.69
CA MET C 63 0.15 -5.01 -22.79
C MET C 63 -0.60 -6.12 -23.53
N LEU C 64 -0.51 -6.11 -24.87
CA LEU C 64 -1.20 -7.06 -25.75
C LEU C 64 -1.07 -8.55 -25.43
N ASP C 65 0.06 -8.93 -24.82
CA ASP C 65 0.34 -10.31 -24.44
C ASP C 65 -0.46 -10.83 -23.27
N HIS C 66 -0.92 -9.91 -22.41
CA HIS C 66 -1.70 -10.25 -21.23
C HIS C 66 -3.17 -10.54 -21.54
N GLU C 67 -3.76 -11.40 -20.73
CA GLU C 67 -5.16 -11.82 -20.87
C GLU C 67 -6.19 -10.75 -20.55
N TYR C 68 -5.78 -9.68 -19.86
CA TYR C 68 -6.70 -8.59 -19.52
C TYR C 68 -7.09 -7.68 -20.67
N THR C 69 -6.27 -7.66 -21.73
CA THR C 69 -6.55 -6.85 -22.92
C THR C 69 -7.65 -7.43 -23.81
N THR C 70 -8.27 -8.51 -23.32
CA THR C 70 -9.35 -9.19 -24.03
C THR C 70 -10.66 -9.09 -23.22
N LYS C 71 -10.62 -8.39 -22.09
CA LYS C 71 -11.80 -8.24 -21.24
C LYS C 71 -12.71 -7.07 -21.62
N GLU C 72 -14.03 -7.27 -21.50
CA GLU C 72 -15.05 -6.26 -21.83
C GLU C 72 -14.80 -4.88 -21.23
N ILE C 73 -14.64 -4.83 -19.91
CA ILE C 73 -14.41 -3.59 -19.17
C ILE C 73 -13.12 -2.88 -19.62
N PHE C 74 -12.03 -3.65 -19.75
CA PHE C 74 -10.72 -3.12 -20.18
C PHE C 74 -10.80 -2.45 -21.53
N ARG C 75 -11.36 -3.19 -22.50
CA ARG C 75 -11.49 -2.72 -23.88
C ARG C 75 -12.41 -1.53 -24.07
N LYS C 76 -13.51 -1.53 -23.30
CA LYS C 76 -14.52 -0.48 -23.32
C LYS C 76 -13.89 0.80 -22.82
N ASN C 77 -13.23 0.70 -21.67
CA ASN C 77 -12.57 1.83 -21.04
C ASN C 77 -11.44 2.40 -21.90
N PHE C 78 -10.54 1.52 -22.39
CA PHE C 78 -9.42 1.93 -23.23
C PHE C 78 -9.86 2.70 -24.46
N PHE C 79 -10.78 2.10 -25.22
CA PHE C 79 -11.30 2.68 -26.43
C PHE C 79 -12.01 4.02 -26.22
N LYS C 80 -12.80 4.11 -25.14
CA LYS C 80 -13.53 5.33 -24.82
C LYS C 80 -12.53 6.48 -24.56
N ASP C 81 -11.47 6.18 -23.81
CA ASP C 81 -10.44 7.17 -23.51
C ASP C 81 -9.48 7.46 -24.65
N TRP C 82 -9.37 6.53 -25.60
CA TRP C 82 -8.50 6.68 -26.78
C TRP C 82 -9.21 7.60 -27.80
N ARG C 83 -10.55 7.63 -27.76
CA ARG C 83 -11.37 8.48 -28.65
C ARG C 83 -11.13 9.95 -28.38
N LYS C 84 -10.99 10.30 -27.10
CA LYS C 84 -10.76 11.68 -26.67
C LYS C 84 -9.41 12.20 -27.18
N GLU C 85 -8.43 11.31 -27.20
CA GLU C 85 -7.08 11.61 -27.63
C GLU C 85 -6.83 11.55 -29.14
N MET C 86 -7.93 11.40 -29.89
CA MET C 86 -7.88 11.35 -31.36
C MET C 86 -8.35 12.66 -31.99
N THR C 87 -7.94 12.88 -33.24
CA THR C 87 -8.34 14.06 -34.00
C THR C 87 -9.71 13.74 -34.61
N ASN C 88 -10.46 14.77 -35.01
CA ASN C 88 -11.80 14.59 -35.60
C ASN C 88 -11.79 13.75 -36.89
N GLU C 89 -10.63 13.71 -37.56
CA GLU C 89 -10.44 12.94 -38.78
C GLU C 89 -10.29 11.45 -38.43
N GLU C 90 -9.59 11.18 -37.33
CA GLU C 90 -9.35 9.82 -36.81
C GLU C 90 -10.60 9.22 -36.15
N LYS C 91 -11.41 10.08 -35.53
CA LYS C 91 -12.65 9.68 -34.88
C LYS C 91 -13.66 9.09 -35.87
N ASN C 92 -13.61 9.59 -37.11
CA ASN C 92 -14.51 9.16 -38.17
C ASN C 92 -14.14 7.85 -38.87
N ILE C 93 -12.88 7.46 -38.76
CA ILE C 93 -12.40 6.22 -39.36
C ILE C 93 -12.41 5.07 -38.33
N ILE C 94 -11.84 5.34 -37.15
CA ILE C 94 -11.74 4.37 -36.05
C ILE C 94 -13.02 4.30 -35.21
N THR C 95 -13.91 3.38 -35.58
CA THR C 95 -15.19 3.17 -34.91
C THR C 95 -15.16 2.15 -33.76
N ASN C 96 -14.27 1.17 -33.86
CA ASN C 96 -14.12 0.13 -32.84
C ASN C 96 -12.66 -0.25 -32.65
N LEU C 97 -12.39 -0.94 -31.55
CA LEU C 97 -11.04 -1.40 -31.19
C LEU C 97 -10.62 -2.69 -31.90
N SER C 98 -11.60 -3.48 -32.28
CA SER C 98 -11.38 -4.78 -32.90
C SER C 98 -10.87 -4.81 -34.33
N LYS C 99 -11.14 -3.74 -35.07
CA LYS C 99 -10.69 -3.61 -36.45
C LYS C 99 -9.27 -3.04 -36.49
N CYS C 100 -8.71 -2.72 -35.31
CA CYS C 100 -7.37 -2.16 -35.14
C CYS C 100 -6.34 -3.26 -34.95
N ASP C 101 -5.23 -3.18 -35.67
CA ASP C 101 -4.14 -4.16 -35.60
C ASP C 101 -2.85 -3.52 -35.01
N PHE C 102 -2.52 -3.94 -33.78
CA PHE C 102 -1.35 -3.41 -33.08
C PHE C 102 -0.14 -4.32 -33.15
N THR C 103 -0.32 -5.53 -33.67
CA THR C 103 0.74 -6.54 -33.80
C THR C 103 2.15 -6.09 -34.22
N GLN C 104 2.24 -5.13 -35.13
CA GLN C 104 3.53 -4.63 -35.60
C GLN C 104 4.21 -3.73 -34.58
N MET C 105 3.40 -3.00 -33.81
CA MET C 105 3.86 -2.10 -32.75
C MET C 105 4.37 -2.96 -31.59
N SER C 106 3.61 -4.03 -31.30
CA SER C 106 3.94 -4.96 -30.25
C SER C 106 5.29 -5.64 -30.50
N GLN C 107 5.54 -6.03 -31.76
CA GLN C 107 6.79 -6.69 -32.16
C GLN C 107 8.02 -5.80 -31.99
N TYR C 108 7.86 -4.50 -32.26
CA TYR C 108 8.93 -3.49 -32.13
C TYR C 108 9.31 -3.29 -30.66
N PHE C 109 8.30 -3.30 -29.78
CA PHE C 109 8.56 -3.12 -28.36
C PHE C 109 9.22 -4.32 -27.71
N LYS C 110 9.02 -5.51 -28.30
CA LYS C 110 9.66 -6.73 -27.83
C LYS C 110 11.09 -6.70 -28.36
N ALA C 111 11.23 -6.17 -29.59
CA ALA C 111 12.52 -6.04 -30.27
C ALA C 111 13.45 -5.06 -29.54
N GLN C 112 12.86 -4.02 -28.93
CA GLN C 112 13.61 -3.01 -28.18
C GLN C 112 14.09 -3.55 -26.83
N THR C 113 13.29 -4.46 -26.26
CA THR C 113 13.59 -5.08 -24.97
C THR C 113 14.75 -6.08 -25.18
N GLU C 114 14.73 -6.76 -26.33
CA GLU C 114 15.77 -7.72 -26.71
C GLU C 114 17.06 -7.00 -27.06
N ALA C 115 16.94 -5.76 -27.53
CA ALA C 115 18.06 -4.92 -27.91
C ALA C 115 18.62 -4.11 -26.76
N ARG C 116 17.85 -3.99 -25.68
CA ARG C 116 18.28 -3.24 -24.50
C ARG C 116 19.26 -4.00 -23.60
N LYS C 117 19.22 -5.33 -23.63
CA LYS C 117 20.14 -6.14 -22.82
C LYS C 117 21.42 -6.51 -23.57
N GLN C 118 21.53 -6.03 -24.82
CA GLN C 118 22.68 -6.26 -25.68
C GLN C 118 23.55 -5.01 -25.81
N MET C 119 23.31 -4.02 -24.95
CA MET C 119 24.06 -2.75 -24.94
C MET C 119 25.53 -2.87 -24.52
N SER C 120 26.34 -1.90 -24.95
CA SER C 120 27.78 -1.84 -24.67
C SER C 120 28.09 -1.27 -23.27
N LYS C 121 29.38 -1.14 -22.97
CA LYS C 121 29.85 -0.60 -21.67
C LYS C 121 29.74 0.93 -21.59
N GLU C 122 29.48 1.56 -22.74
CA GLU C 122 29.33 3.02 -22.86
C GLU C 122 27.86 3.41 -22.73
N GLU C 123 26.99 2.40 -22.69
CA GLU C 123 25.55 2.60 -22.58
C GLU C 123 25.04 2.15 -21.21
N LYS C 124 25.51 0.97 -20.77
CA LYS C 124 25.14 0.39 -19.47
C LYS C 124 25.67 1.16 -18.27
N LEU C 125 26.85 1.74 -18.43
CA LEU C 125 27.48 2.51 -17.36
C LEU C 125 27.04 3.98 -17.41
N LYS C 126 26.76 4.50 -18.63
CA LYS C 126 26.33 5.90 -18.81
C LYS C 126 24.98 6.20 -18.19
N ILE C 127 23.97 5.39 -18.52
CA ILE C 127 22.59 5.57 -18.02
C ILE C 127 22.50 5.38 -16.49
N LYS C 128 23.36 4.53 -15.94
CA LYS C 128 23.40 4.29 -14.50
C LYS C 128 24.10 5.44 -13.78
N GLU C 129 24.88 6.22 -14.53
CA GLU C 129 25.60 7.38 -14.01
C GLU C 129 24.77 8.66 -14.13
N GLU C 130 23.84 8.69 -15.09
CA GLU C 130 22.95 9.85 -15.26
C GLU C 130 21.81 9.73 -14.23
N ASN C 131 21.56 8.51 -13.77
CA ASN C 131 20.55 8.19 -12.77
C ASN C 131 21.04 8.58 -11.38
N GLU C 132 22.36 8.52 -11.22
CA GLU C 132 23.03 8.87 -9.97
C GLU C 132 23.13 10.39 -9.81
N LYS C 133 23.32 11.12 -10.91
CA LYS C 133 23.39 12.58 -10.86
C LYS C 133 21.99 13.16 -10.63
N LEU C 134 20.97 12.36 -10.98
CA LEU C 134 19.56 12.73 -10.84
C LEU C 134 19.12 12.49 -9.40
N LEU C 135 19.69 11.43 -8.80
CA LEU C 135 19.42 11.01 -7.42
C LEU C 135 20.00 11.99 -6.40
N LYS C 136 21.09 12.66 -6.79
CA LYS C 136 21.79 13.61 -5.93
C LYS C 136 21.34 15.05 -6.11
N GLU C 137 20.69 15.33 -7.24
CA GLU C 137 20.19 16.66 -7.57
C GLU C 137 18.75 16.91 -7.16
N TYR C 138 17.92 15.87 -7.26
CA TYR C 138 16.48 15.96 -6.95
C TYR C 138 16.01 14.99 -5.86
N GLY C 139 16.88 14.07 -5.44
CA GLY C 139 16.52 13.09 -4.42
C GLY C 139 16.74 13.47 -2.97
N PHE C 140 17.18 14.71 -2.75
CA PHE C 140 17.44 15.21 -1.40
C PHE C 140 16.70 16.51 -1.16
N CYS C 141 16.40 16.79 0.11
CA CYS C 141 15.73 18.03 0.49
C CYS C 141 16.22 18.50 1.85
N ILE C 142 16.06 19.80 2.10
CA ILE C 142 16.44 20.38 3.36
C ILE C 142 15.15 20.64 4.12
N MET C 143 15.04 20.06 5.31
CA MET C 143 13.90 20.27 6.18
C MET C 143 14.48 20.43 7.58
N ASP C 144 14.37 21.64 8.11
CA ASP C 144 14.87 21.99 9.45
C ASP C 144 16.26 21.55 9.80
N ASN C 145 17.24 22.41 9.49
CA ASN C 145 18.65 22.16 9.80
C ASN C 145 19.35 20.92 9.22
N HIS C 146 18.64 20.06 8.48
CA HIS C 146 19.23 18.84 7.92
C HIS C 146 18.83 18.48 6.50
N LYS C 147 19.69 17.69 5.86
CA LYS C 147 19.50 17.19 4.50
C LYS C 147 18.94 15.77 4.63
N GLU C 148 17.70 15.58 4.18
CA GLU C 148 17.06 14.26 4.25
C GLU C 148 16.62 13.82 2.88
N ARG C 149 16.54 12.51 2.70
CA ARG C 149 16.13 11.92 1.43
C ARG C 149 14.65 12.07 1.15
N ILE C 150 14.33 12.13 -0.14
CA ILE C 150 12.97 12.22 -0.66
C ILE C 150 12.62 10.81 -1.15
N ALA C 151 11.37 10.40 -0.94
CA ALA C 151 10.88 9.06 -1.33
C ALA C 151 10.81 8.74 -2.82
N ASN C 152 9.73 9.16 -3.49
CA ASN C 152 9.59 8.88 -4.91
C ASN C 152 9.54 10.17 -5.70
N PHE C 153 10.71 10.77 -5.92
CA PHE C 153 10.82 12.03 -6.65
C PHE C 153 10.49 11.88 -8.15
N LYS C 154 10.73 10.70 -8.72
CA LYS C 154 10.41 10.47 -10.13
C LYS C 154 8.92 10.15 -10.28
N ILE C 155 8.17 11.09 -10.85
CA ILE C 155 6.73 10.94 -11.09
C ILE C 155 6.51 9.82 -12.11
N GLU C 156 5.44 9.05 -11.86
CA GLU C 156 5.02 7.93 -12.67
C GLU C 156 4.64 8.31 -14.10
N PRO C 157 5.08 7.50 -15.11
CA PRO C 157 4.76 7.77 -16.51
C PRO C 157 3.29 7.48 -16.83
N PRO C 158 2.76 8.06 -17.93
CA PRO C 158 1.37 7.80 -18.29
C PRO C 158 1.19 6.34 -18.73
N GLY C 159 -0.04 5.86 -18.69
CA GLY C 159 -0.30 4.50 -19.11
C GLY C 159 -1.74 4.13 -18.92
N LEU C 160 -2.00 2.83 -18.90
CA LEU C 160 -3.34 2.32 -18.70
C LEU C 160 -3.46 1.71 -17.33
N SER C 161 -4.55 2.04 -16.66
CA SER C 161 -4.88 1.58 -15.32
C SER C 161 -5.24 0.09 -15.34
N ARG C 162 -4.80 -0.64 -14.32
CA ARG C 162 -5.11 -2.06 -14.23
C ARG C 162 -5.68 -2.27 -12.85
N GLY C 163 -4.98 -1.73 -11.85
CA GLY C 163 -5.40 -1.86 -10.47
C GLY C 163 -5.22 -3.27 -9.98
N ARG C 164 -5.87 -3.60 -8.88
CA ARG C 164 -5.80 -4.93 -8.30
C ARG C 164 -7.19 -5.56 -8.22
N GLY C 165 -7.33 -6.74 -8.80
CA GLY C 165 -8.61 -7.43 -8.80
C GLY C 165 -9.56 -7.04 -9.91
N ASN C 166 -10.86 -7.23 -9.67
CA ASN C 166 -11.91 -6.92 -10.65
C ASN C 166 -12.31 -5.44 -10.59
N HIS C 167 -11.40 -4.60 -11.09
CA HIS C 167 -11.52 -3.13 -11.11
C HIS C 167 -12.39 -2.56 -12.24
N PRO C 168 -13.37 -1.69 -11.92
CA PRO C 168 -14.24 -1.09 -12.94
C PRO C 168 -13.52 -0.12 -13.89
N LYS C 169 -12.44 0.49 -13.40
CA LYS C 169 -11.68 1.46 -14.19
C LYS C 169 -10.49 0.92 -14.95
N MET C 170 -10.31 -0.40 -14.95
CA MET C 170 -9.19 -1.02 -15.68
C MET C 170 -9.27 -0.67 -17.19
N GLY C 171 -8.17 -0.16 -17.72
CA GLY C 171 -8.12 0.22 -19.12
C GLY C 171 -8.22 1.73 -19.31
N MET C 172 -8.49 2.46 -18.24
CA MET C 172 -8.57 3.92 -18.35
C MET C 172 -7.18 4.51 -18.49
N LEU C 173 -7.10 5.65 -19.15
CA LEU C 173 -5.84 6.35 -19.41
C LEU C 173 -5.32 7.18 -18.23
N LYS C 174 -4.11 6.86 -17.77
CA LYS C 174 -3.47 7.66 -16.70
C LYS C 174 -2.73 8.75 -17.48
N ARG C 175 -3.16 10.01 -17.33
CA ARG C 175 -2.54 11.10 -18.06
C ARG C 175 -1.13 11.46 -17.58
N ARG C 176 -0.35 12.07 -18.48
CA ARG C 176 1.02 12.53 -18.20
C ARG C 176 0.91 13.79 -17.32
N ILE C 177 1.57 13.74 -16.16
CA ILE C 177 1.54 14.86 -15.23
C ILE C 177 2.44 15.99 -15.72
N MET C 178 1.82 17.16 -15.87
CA MET C 178 2.45 18.38 -16.34
C MET C 178 2.82 19.30 -15.17
N PRO C 179 3.79 20.24 -15.35
CA PRO C 179 4.16 21.15 -14.25
C PRO C 179 2.96 21.95 -13.77
N GLU C 180 2.03 22.21 -14.69
CA GLU C 180 0.79 22.96 -14.44
C GLU C 180 -0.23 22.20 -13.56
N ASP C 181 0.15 21.00 -13.11
CA ASP C 181 -0.68 20.15 -12.25
C ASP C 181 -0.06 20.02 -10.86
N ILE C 182 1.18 20.50 -10.75
CA ILE C 182 1.96 20.41 -9.51
C ILE C 182 1.78 21.53 -8.48
N ILE C 183 1.51 21.12 -7.25
CA ILE C 183 1.37 22.04 -6.13
C ILE C 183 2.65 21.83 -5.28
N ILE C 184 3.57 22.79 -5.36
CA ILE C 184 4.83 22.78 -4.60
C ILE C 184 4.59 23.34 -3.20
N ASN C 185 5.17 22.68 -2.19
CA ASN C 185 5.08 23.14 -0.80
C ASN C 185 6.50 23.38 -0.32
N CYS C 186 6.74 24.57 0.25
CA CYS C 186 8.05 24.95 0.79
C CYS C 186 7.90 26.16 1.71
N SER C 187 8.97 26.52 2.42
CA SER C 187 8.96 27.67 3.32
C SER C 187 9.18 28.98 2.57
N LYS C 188 8.68 30.08 3.14
CA LYS C 188 8.78 31.41 2.54
C LYS C 188 10.22 31.94 2.40
N ASP C 189 11.14 31.39 3.20
CA ASP C 189 12.54 31.80 3.19
C ASP C 189 13.43 30.92 2.30
N ALA C 190 12.79 29.95 1.66
CA ALA C 190 13.46 29.00 0.79
C ALA C 190 13.43 29.37 -0.68
N LYS C 191 14.44 28.90 -1.42
CA LYS C 191 14.56 29.12 -2.87
C LYS C 191 13.49 28.24 -3.54
N VAL C 192 12.43 28.89 -4.01
CA VAL C 192 11.32 28.25 -4.70
C VAL C 192 11.88 27.55 -5.95
N PRO C 193 11.63 26.23 -6.09
CA PRO C 193 12.14 25.47 -7.24
C PRO C 193 11.75 25.98 -8.63
N SER C 194 12.69 25.84 -9.56
CA SER C 194 12.51 26.28 -10.94
C SER C 194 11.81 25.23 -11.81
N PRO C 195 10.67 25.61 -12.45
CA PRO C 195 9.91 24.71 -13.32
C PRO C 195 10.66 24.46 -14.64
N PRO C 196 10.36 23.33 -15.35
CA PRO C 196 11.03 23.05 -16.62
C PRO C 196 10.85 24.24 -17.59
N PRO C 197 11.89 24.62 -18.37
CA PRO C 197 11.81 25.74 -19.31
C PRO C 197 10.56 25.79 -20.22
N GLY C 198 9.82 26.88 -20.08
CA GLY C 198 8.61 27.08 -20.85
C GLY C 198 7.34 26.78 -20.09
N HIS C 199 7.49 26.21 -18.90
CA HIS C 199 6.37 25.85 -18.05
C HIS C 199 6.35 26.58 -16.71
N LYS C 200 5.20 26.54 -16.05
CA LYS C 200 4.97 27.18 -14.74
C LYS C 200 4.18 26.20 -13.86
N TRP C 201 4.38 26.23 -12.53
CA TRP C 201 3.65 25.35 -11.60
C TRP C 201 2.20 25.83 -11.42
N LYS C 202 1.36 24.96 -10.86
CA LYS C 202 -0.05 25.26 -10.59
C LYS C 202 -0.15 26.21 -9.42
N GLU C 203 0.63 25.91 -8.38
CA GLU C 203 0.64 26.67 -7.14
C GLU C 203 1.94 26.42 -6.37
N VAL C 204 2.36 27.45 -5.62
CA VAL C 204 3.52 27.38 -4.77
C VAL C 204 2.97 27.79 -3.39
N ARG C 205 2.73 26.80 -2.53
CA ARG C 205 2.21 27.10 -1.20
C ARG C 205 3.19 26.93 -0.06
N HIS C 206 2.79 27.44 1.12
CA HIS C 206 3.63 27.41 2.31
C HIS C 206 2.86 26.85 3.53
N ASP C 207 2.31 25.64 3.39
CA ASP C 207 1.56 25.02 4.46
C ASP C 207 2.43 24.18 5.38
N ASN C 208 2.66 24.66 6.60
CA ASN C 208 3.48 23.94 7.57
C ASN C 208 2.70 22.99 8.49
N LYS C 209 1.42 22.78 8.16
CA LYS C 209 0.55 21.88 8.93
C LYS C 209 0.51 20.51 8.23
N VAL C 210 1.24 20.39 7.12
CA VAL C 210 1.33 19.16 6.32
C VAL C 210 2.81 18.75 6.09
N THR C 211 3.04 17.49 5.73
CA THR C 211 4.40 16.93 5.52
C THR C 211 4.87 16.74 4.06
N TRP C 212 4.01 17.04 3.09
CA TRP C 212 4.39 16.84 1.69
C TRP C 212 5.13 17.98 1.03
N LEU C 213 5.92 17.61 0.01
CA LEU C 213 6.74 18.53 -0.75
C LEU C 213 6.13 18.90 -2.08
N VAL C 214 5.49 17.93 -2.72
CA VAL C 214 4.85 18.07 -4.03
C VAL C 214 3.54 17.28 -4.00
N SER C 215 2.52 17.79 -4.69
CA SER C 215 1.23 17.12 -4.80
C SER C 215 0.54 17.46 -6.10
N TRP C 216 -0.29 16.54 -6.58
CA TRP C 216 -1.07 16.69 -7.82
C TRP C 216 -2.30 15.79 -7.75
N THR C 217 -3.21 15.94 -8.72
CA THR C 217 -4.41 15.12 -8.77
C THR C 217 -4.32 14.19 -9.96
N GLU C 218 -4.54 12.90 -9.71
CA GLU C 218 -4.53 11.89 -10.76
C GLU C 218 -5.96 11.74 -11.26
N ASN C 219 -6.12 11.37 -12.52
CA ASN C 219 -7.45 11.25 -13.14
C ASN C 219 -8.33 10.01 -12.92
N ILE C 220 -7.72 8.86 -12.61
CA ILE C 220 -8.46 7.61 -12.41
C ILE C 220 -9.43 7.65 -11.22
N GLN C 221 -8.94 8.01 -10.04
CA GLN C 221 -9.79 8.10 -8.84
C GLN C 221 -10.08 9.55 -8.40
N GLY C 222 -9.19 10.47 -8.80
CA GLY C 222 -9.36 11.87 -8.45
C GLY C 222 -8.73 12.26 -7.12
N SER C 223 -8.03 11.32 -6.49
CA SER C 223 -7.36 11.56 -5.21
C SER C 223 -6.01 12.23 -5.41
N ILE C 224 -5.54 12.90 -4.38
CA ILE C 224 -4.27 13.61 -4.43
C ILE C 224 -3.10 12.67 -4.15
N LYS C 225 -2.14 12.62 -5.07
CA LYS C 225 -0.93 11.80 -4.91
C LYS C 225 0.14 12.73 -4.39
N TYR C 226 1.03 12.20 -3.55
CA TYR C 226 2.08 13.00 -2.91
C TYR C 226 3.50 12.48 -3.07
N ILE C 227 4.44 13.38 -2.79
CA ILE C 227 5.87 13.10 -2.80
C ILE C 227 6.29 13.60 -1.43
N MET C 228 6.66 12.66 -0.57
CA MET C 228 7.07 12.94 0.80
C MET C 228 8.49 12.46 1.06
N LEU C 229 8.96 12.64 2.29
CA LEU C 229 10.32 12.22 2.64
C LEU C 229 10.42 10.70 2.77
N ASN C 230 11.63 10.18 2.57
CA ASN C 230 11.90 8.75 2.62
C ASN C 230 11.72 8.20 4.06
N PRO C 231 11.51 6.86 4.22
CA PRO C 231 11.34 6.31 5.57
C PRO C 231 12.44 6.58 6.60
N SER C 232 13.65 6.88 6.14
CA SER C 232 14.79 7.14 7.04
C SER C 232 14.83 8.51 7.71
N SER C 233 13.92 9.38 7.30
CA SER C 233 13.82 10.74 7.83
C SER C 233 13.22 10.81 9.23
N ARG C 234 13.28 11.99 9.84
CA ARG C 234 12.73 12.24 11.18
C ARG C 234 11.22 12.22 11.20
N ILE C 235 10.62 12.92 10.24
CA ILE C 235 9.19 13.05 10.12
C ILE C 235 8.39 11.74 9.94
N LYS C 236 8.99 10.75 9.28
CA LYS C 236 8.35 9.46 9.04
C LYS C 236 8.66 8.43 10.10
N GLY C 237 9.92 8.46 10.55
CA GLY C 237 10.40 7.53 11.56
C GLY C 237 9.85 7.78 12.94
N GLU C 238 9.64 9.05 13.29
CA GLU C 238 9.10 9.44 14.58
C GLU C 238 7.64 9.05 14.64
N LYS C 239 6.96 9.13 13.50
CA LYS C 239 5.56 8.73 13.42
C LYS C 239 5.46 7.20 13.49
N ASP C 240 6.50 6.51 12.98
CA ASP C 240 6.57 5.06 12.98
C ASP C 240 6.86 4.53 14.40
N TRP C 241 7.64 5.30 15.16
CA TRP C 241 7.99 5.00 16.54
C TRP C 241 6.73 5.20 17.40
N GLN C 242 6.00 6.30 17.15
CA GLN C 242 4.76 6.61 17.86
C GLN C 242 3.65 5.59 17.62
N LYS C 243 3.66 4.98 16.42
CA LYS C 243 2.67 3.98 16.03
C LYS C 243 2.87 2.72 16.86
N TYR C 244 4.13 2.38 17.08
CA TYR C 244 4.47 1.21 17.87
C TYR C 244 4.25 1.44 19.36
N GLU C 245 4.47 2.69 19.80
CA GLU C 245 4.26 3.07 21.20
C GLU C 245 2.78 3.01 21.57
N THR C 246 1.92 3.33 20.60
CA THR C 246 0.46 3.30 20.77
C THR C 246 -0.01 1.84 20.91
N ALA C 247 0.66 0.95 20.18
CA ALA C 247 0.37 -0.47 20.19
C ALA C 247 0.87 -1.10 21.49
N ARG C 248 1.85 -0.44 22.11
CA ARG C 248 2.42 -0.89 23.39
C ARG C 248 1.54 -0.43 24.53
N ARG C 249 0.84 0.69 24.32
CA ARG C 249 -0.06 1.21 25.34
C ARG C 249 -1.36 0.41 25.32
N LEU C 250 -1.64 -0.25 24.20
CA LEU C 250 -2.82 -1.11 24.06
C LEU C 250 -2.58 -2.45 24.75
N LYS C 251 -1.31 -2.82 24.92
CA LYS C 251 -0.94 -4.10 25.57
C LYS C 251 -1.35 -4.13 27.03
N LYS C 252 -1.15 -3.00 27.71
CA LYS C 252 -1.48 -2.87 29.12
C LYS C 252 -2.89 -2.29 29.35
N CYS C 253 -3.75 -2.55 28.38
CA CYS C 253 -5.15 -2.12 28.38
C CYS C 253 -6.07 -3.14 27.73
N VAL C 254 -5.46 -4.09 26.99
CA VAL C 254 -6.22 -5.12 26.26
C VAL C 254 -7.10 -6.07 27.09
N ASP C 255 -6.64 -6.48 28.27
CA ASP C 255 -7.41 -7.37 29.16
C ASP C 255 -8.66 -6.68 29.68
N LYS C 256 -8.55 -5.38 29.91
CA LYS C 256 -9.64 -4.52 30.39
C LYS C 256 -10.67 -4.31 29.26
N ILE C 257 -10.16 -4.18 28.03
CA ILE C 257 -10.97 -3.98 26.82
C ILE C 257 -11.66 -5.28 26.42
N ARG C 258 -10.95 -6.41 26.57
CA ARG C 258 -11.49 -7.74 26.24
C ARG C 258 -12.62 -8.15 27.17
N ASN C 259 -12.51 -7.80 28.46
CA ASN C 259 -13.54 -8.10 29.45
C ASN C 259 -14.79 -7.26 29.21
N GLN C 260 -14.57 -6.02 28.77
CA GLN C 260 -15.68 -5.10 28.48
C GLN C 260 -16.50 -5.51 27.26
N TYR C 261 -15.84 -5.95 26.18
CA TYR C 261 -16.58 -6.37 24.99
C TYR C 261 -17.27 -7.74 25.13
N ARG C 262 -16.77 -8.54 26.06
CA ARG C 262 -17.33 -9.88 26.35
C ARG C 262 -18.65 -9.74 27.10
N GLU C 263 -18.75 -8.66 27.86
CA GLU C 263 -19.96 -8.33 28.63
C GLU C 263 -20.96 -7.62 27.72
N ASP C 264 -20.46 -6.90 26.72
CA ASP C 264 -21.28 -6.14 25.77
C ASP C 264 -22.11 -6.99 24.78
N TRP C 265 -21.83 -8.29 24.73
CA TRP C 265 -22.55 -9.22 23.84
C TRP C 265 -23.94 -9.54 24.38
N LYS C 266 -24.12 -9.28 25.68
CA LYS C 266 -25.36 -9.53 26.40
C LYS C 266 -26.30 -8.33 26.50
N SER C 267 -25.78 -7.12 26.23
CA SER C 267 -26.53 -5.87 26.32
C SER C 267 -27.87 -5.75 25.59
N LYS C 268 -28.73 -4.88 26.11
CA LYS C 268 -30.09 -4.62 25.60
C LYS C 268 -30.14 -3.99 24.21
N GLU C 269 -29.26 -3.02 23.97
CA GLU C 269 -29.19 -2.31 22.69
C GLU C 269 -28.30 -3.01 21.67
N MET C 270 -28.77 -3.08 20.43
CA MET C 270 -28.05 -3.73 19.35
C MET C 270 -26.85 -2.94 18.80
N LYS C 271 -26.85 -1.63 19.01
CA LYS C 271 -25.76 -0.74 18.56
C LYS C 271 -24.45 -1.09 19.27
N VAL C 272 -24.58 -1.60 20.49
CA VAL C 272 -23.45 -1.98 21.33
C VAL C 272 -23.05 -3.45 21.08
N ARG C 273 -24.03 -4.31 20.78
CA ARG C 273 -23.76 -5.73 20.51
C ARG C 273 -22.94 -5.96 19.25
N GLN C 274 -23.26 -5.22 18.19
CA GLN C 274 -22.58 -5.32 16.90
C GLN C 274 -21.17 -4.79 16.93
N ARG C 275 -21.00 -3.69 17.69
CA ARG C 275 -19.73 -2.99 17.89
C ARG C 275 -18.73 -3.92 18.56
N ALA C 276 -19.25 -4.70 19.51
CA ALA C 276 -18.48 -5.66 20.29
C ALA C 276 -18.10 -6.94 19.53
N VAL C 277 -18.97 -7.37 18.61
CA VAL C 277 -18.72 -8.57 17.79
C VAL C 277 -17.72 -8.22 16.69
N ALA C 278 -17.80 -6.98 16.21
CA ALA C 278 -16.88 -6.48 15.19
C ALA C 278 -15.48 -6.28 15.79
N LEU C 279 -15.42 -5.83 17.05
CA LEU C 279 -14.16 -5.63 17.76
C LEU C 279 -13.53 -6.96 18.15
N TYR C 280 -14.36 -7.99 18.33
CA TYR C 280 -13.91 -9.34 18.66
C TYR C 280 -13.14 -9.91 17.47
N PHE C 281 -13.68 -9.67 16.26
CA PHE C 281 -13.07 -10.13 15.00
C PHE C 281 -11.74 -9.44 14.73
N ILE C 282 -11.71 -8.13 15.00
CA ILE C 282 -10.53 -7.28 14.81
C ILE C 282 -9.40 -7.66 15.79
N ASP C 283 -9.77 -8.15 16.97
CA ASP C 283 -8.80 -8.55 17.96
C ASP C 283 -8.28 -9.99 17.72
N LYS C 284 -9.21 -10.94 17.61
CA LYS C 284 -8.89 -12.35 17.41
C LYS C 284 -8.29 -12.70 16.05
N LEU C 285 -8.97 -12.27 14.99
CA LEU C 285 -8.56 -12.55 13.61
C LEU C 285 -7.79 -11.45 12.87
N ALA C 286 -7.45 -10.39 13.60
CA ALA C 286 -6.70 -9.22 13.09
C ALA C 286 -7.20 -8.59 11.78
N LEU C 287 -8.53 -8.50 11.64
CA LEU C 287 -9.16 -7.93 10.46
C LEU C 287 -8.97 -6.41 10.37
N ARG C 288 -9.13 -5.88 9.16
CA ARG C 288 -9.00 -4.45 8.92
C ARG C 288 -10.34 -3.79 9.17
N ALA C 289 -10.32 -2.56 9.68
CA ALA C 289 -11.53 -1.79 9.96
C ALA C 289 -12.10 -1.40 8.61
N GLY C 290 -13.06 -2.16 8.12
CA GLY C 290 -13.64 -1.92 6.80
C GLY C 290 -14.40 -0.66 6.49
N ASN C 291 -13.70 0.33 5.92
CA ASN C 291 -14.31 1.59 5.51
C ASN C 291 -15.25 1.39 4.33
N GLU C 292 -16.20 2.31 4.20
CA GLU C 292 -17.19 2.28 3.14
C GLU C 292 -16.70 2.97 1.88
N LYS C 293 -16.59 2.19 0.81
CA LYS C 293 -16.17 2.70 -0.48
C LYS C 293 -17.39 3.11 -1.29
N GLU C 294 -17.15 3.87 -2.35
CA GLU C 294 -18.18 4.35 -3.26
C GLU C 294 -18.30 3.27 -4.34
N GLU C 295 -19.51 2.77 -4.55
CA GLU C 295 -19.79 1.71 -5.54
C GLU C 295 -19.45 2.06 -6.99
N GLY C 296 -18.46 1.36 -7.52
CA GLY C 296 -18.01 1.57 -8.89
C GLY C 296 -16.67 2.27 -9.07
N GLU C 297 -15.95 2.53 -7.98
CA GLU C 297 -14.64 3.19 -8.06
C GLU C 297 -13.50 2.19 -8.06
N THR C 298 -13.48 1.32 -7.05
CA THR C 298 -12.46 0.28 -6.92
C THR C 298 -13.15 -1.07 -6.92
N ALA C 299 -12.36 -2.15 -6.93
CA ALA C 299 -12.88 -3.51 -6.92
C ALA C 299 -13.65 -3.76 -5.63
N ASP C 300 -14.71 -4.55 -5.73
CA ASP C 300 -15.55 -4.88 -4.59
C ASP C 300 -14.76 -5.71 -3.58
N THR C 301 -14.30 -5.03 -2.52
CA THR C 301 -13.55 -5.65 -1.42
C THR C 301 -14.11 -5.11 -0.12
N VAL C 302 -14.07 -5.93 0.93
CA VAL C 302 -14.57 -5.51 2.23
C VAL C 302 -13.59 -5.75 3.39
N GLY C 303 -13.98 -5.27 4.55
CA GLY C 303 -13.21 -5.43 5.77
C GLY C 303 -14.26 -5.75 6.83
N CYS C 304 -13.85 -5.74 8.09
CA CYS C 304 -14.74 -6.06 9.22
C CYS C 304 -16.06 -5.30 9.38
N CYS C 305 -16.01 -3.98 9.34
CA CYS C 305 -17.22 -3.16 9.48
C CYS C 305 -18.07 -3.09 8.23
N SER C 306 -17.46 -3.40 7.08
CA SER C 306 -18.16 -3.38 5.81
C SER C 306 -18.59 -4.77 5.32
N LEU C 307 -18.51 -5.77 6.22
CA LEU C 307 -18.89 -7.14 5.93
C LEU C 307 -20.37 -7.28 5.62
N ARG C 308 -20.67 -8.07 4.59
CA ARG C 308 -22.07 -8.30 4.21
C ARG C 308 -22.50 -9.68 4.68
N VAL C 309 -23.81 -9.91 4.67
CA VAL C 309 -24.43 -11.17 5.10
C VAL C 309 -23.88 -12.40 4.34
N GLU C 310 -23.62 -12.22 3.04
CA GLU C 310 -23.10 -13.26 2.15
C GLU C 310 -21.66 -13.69 2.40
N HIS C 311 -20.95 -12.90 3.21
CA HIS C 311 -19.55 -13.17 3.53
C HIS C 311 -19.29 -14.14 4.67
N ILE C 312 -20.36 -14.55 5.35
CA ILE C 312 -20.29 -15.53 6.44
C ILE C 312 -21.38 -16.59 6.32
N ASN C 313 -21.01 -17.81 6.68
CA ASN C 313 -21.93 -18.97 6.67
C ASN C 313 -21.81 -19.71 8.00
N LEU C 314 -22.88 -19.60 8.80
CA LEU C 314 -22.97 -20.21 10.13
C LEU C 314 -23.21 -21.71 10.20
N HIS C 315 -22.37 -22.38 10.99
CA HIS C 315 -22.44 -23.83 11.18
C HIS C 315 -22.33 -24.15 12.69
N PRO C 316 -23.39 -24.74 13.29
CA PRO C 316 -23.40 -25.10 14.72
C PRO C 316 -22.36 -26.17 15.10
N GLU C 317 -22.27 -27.21 14.30
CA GLU C 317 -21.33 -28.31 14.51
C GLU C 317 -20.79 -28.75 13.15
N LEU C 318 -19.49 -28.55 12.96
CA LEU C 318 -18.79 -28.92 11.72
C LEU C 318 -17.36 -29.33 12.07
N ASP C 319 -16.94 -30.45 11.48
CA ASP C 319 -15.60 -31.06 11.64
C ASP C 319 -15.24 -31.43 13.10
N GLY C 320 -16.27 -31.61 13.94
CA GLY C 320 -16.08 -31.94 15.34
C GLY C 320 -15.78 -30.75 16.23
N GLN C 321 -16.11 -29.55 15.74
CA GLN C 321 -15.91 -28.29 16.46
C GLN C 321 -17.24 -27.57 16.65
N GLU C 322 -17.38 -26.91 17.80
CA GLU C 322 -18.60 -26.17 18.16
C GLU C 322 -18.56 -24.72 17.71
N TYR C 323 -19.72 -24.22 17.29
CA TYR C 323 -19.96 -22.83 16.83
C TYR C 323 -18.95 -22.28 15.80
N VAL C 324 -18.95 -22.88 14.61
CA VAL C 324 -18.04 -22.53 13.52
C VAL C 324 -18.60 -21.42 12.61
N VAL C 325 -17.76 -20.41 12.36
CA VAL C 325 -18.10 -19.27 11.48
C VAL C 325 -17.18 -19.38 10.25
N GLU C 326 -17.77 -19.65 9.09
CA GLU C 326 -17.01 -19.79 7.84
C GLU C 326 -16.98 -18.45 7.08
N PHE C 327 -15.82 -17.78 7.14
CA PHE C 327 -15.59 -16.49 6.48
C PHE C 327 -15.14 -16.70 5.04
N ASP C 328 -15.74 -15.98 4.10
CA ASP C 328 -15.32 -16.07 2.69
C ASP C 328 -15.54 -14.76 1.96
N PHE C 329 -14.53 -13.88 2.10
CA PHE C 329 -14.54 -12.57 1.45
C PHE C 329 -13.23 -12.19 0.79
N LEU C 330 -13.25 -11.06 0.08
CA LEU C 330 -12.07 -10.54 -0.56
C LEU C 330 -11.68 -9.30 0.26
N GLY C 331 -10.50 -9.36 0.89
CA GLY C 331 -10.00 -8.25 1.70
C GLY C 331 -9.27 -7.23 0.83
N LYS C 332 -8.34 -6.46 1.41
CA LYS C 332 -7.57 -5.47 0.67
C LYS C 332 -6.73 -6.15 -0.44
N ASP C 333 -6.62 -5.48 -1.59
CA ASP C 333 -5.88 -5.94 -2.78
C ASP C 333 -6.50 -7.20 -3.40
N SER C 334 -7.79 -7.41 -3.13
CA SER C 334 -8.58 -8.56 -3.59
C SER C 334 -8.02 -9.92 -3.15
N ILE C 335 -7.30 -9.91 -2.04
CA ILE C 335 -6.74 -11.13 -1.47
C ILE C 335 -7.85 -11.80 -0.65
N ARG C 336 -8.14 -13.05 -1.01
CA ARG C 336 -9.18 -13.84 -0.38
C ARG C 336 -8.86 -14.29 1.05
N TYR C 337 -9.82 -14.11 1.94
CA TYR C 337 -9.71 -14.53 3.33
C TYR C 337 -10.66 -15.72 3.54
N TYR C 338 -10.12 -16.85 4.00
CA TYR C 338 -10.90 -18.06 4.26
C TYR C 338 -10.44 -18.66 5.58
N ASN C 339 -11.38 -18.72 6.53
CA ASN C 339 -11.11 -19.28 7.86
C ASN C 339 -12.38 -19.85 8.51
N LYS C 340 -12.28 -21.08 8.97
CA LYS C 340 -13.37 -21.76 9.67
C LYS C 340 -12.92 -21.64 11.13
N VAL C 341 -13.46 -20.63 11.80
CA VAL C 341 -13.10 -20.32 13.19
C VAL C 341 -14.16 -20.56 14.28
N PRO C 342 -13.81 -21.34 15.33
CA PRO C 342 -14.73 -21.62 16.44
C PRO C 342 -14.77 -20.40 17.37
N VAL C 343 -15.97 -19.85 17.56
CA VAL C 343 -16.16 -18.68 18.40
C VAL C 343 -16.75 -19.04 19.78
N GLU C 344 -17.13 -18.02 20.55
CA GLU C 344 -17.75 -18.18 21.87
C GLU C 344 -19.25 -18.45 21.65
N LYS C 345 -19.96 -18.86 22.70
CA LYS C 345 -21.38 -19.17 22.60
C LYS C 345 -22.27 -17.96 22.26
N ARG C 346 -22.02 -16.82 22.91
CA ARG C 346 -22.80 -15.60 22.69
C ARG C 346 -22.58 -14.91 21.35
N VAL C 347 -21.38 -15.04 20.79
CA VAL C 347 -21.02 -14.44 19.50
C VAL C 347 -21.78 -15.08 18.35
N PHE C 348 -21.93 -16.41 18.40
CA PHE C 348 -22.65 -17.18 17.39
C PHE C 348 -24.14 -16.83 17.42
N LYS C 349 -24.68 -16.68 18.63
CA LYS C 349 -26.08 -16.33 18.85
C LYS C 349 -26.38 -14.91 18.35
N ASN C 350 -25.36 -14.06 18.45
CA ASN C 350 -25.44 -12.66 18.00
C ASN C 350 -25.42 -12.52 16.48
N LEU C 351 -24.57 -13.31 15.81
CA LEU C 351 -24.47 -13.30 14.34
C LEU C 351 -25.73 -13.81 13.66
N GLN C 352 -26.46 -14.69 14.35
CA GLN C 352 -27.73 -15.26 13.88
C GLN C 352 -28.79 -14.17 13.89
N LEU C 353 -28.71 -13.32 14.91
CA LEU C 353 -29.63 -12.20 15.10
C LEU C 353 -29.36 -11.06 14.11
N PHE C 354 -28.12 -10.97 13.63
CA PHE C 354 -27.73 -9.91 12.68
C PHE C 354 -28.03 -10.31 11.24
N MET C 355 -28.10 -11.61 10.99
CA MET C 355 -28.39 -12.14 9.65
C MET C 355 -29.89 -12.31 9.35
N GLU C 356 -30.72 -12.16 10.40
CA GLU C 356 -32.19 -12.27 10.30
C GLU C 356 -32.82 -11.13 9.49
N ASN C 357 -33.87 -11.48 8.75
CA ASN C 357 -34.66 -10.59 7.87
C ASN C 357 -33.86 -9.73 6.85
N LYS C 358 -32.65 -10.18 6.55
CA LYS C 358 -31.76 -9.51 5.62
C LYS C 358 -31.43 -10.29 4.36
N GLN C 359 -31.25 -9.54 3.27
CA GLN C 359 -30.90 -10.04 1.95
C GLN C 359 -29.36 -10.17 1.88
N PRO C 360 -28.80 -11.06 1.01
CA PRO C 360 -27.34 -11.22 0.89
C PRO C 360 -26.51 -9.95 0.62
N GLU C 361 -27.12 -8.98 -0.08
CA GLU C 361 -26.48 -7.71 -0.45
C GLU C 361 -26.39 -6.70 0.70
N ASP C 362 -27.22 -6.88 1.73
CA ASP C 362 -27.25 -6.00 2.90
C ASP C 362 -26.05 -6.16 3.82
N ASP C 363 -25.69 -5.08 4.50
CA ASP C 363 -24.57 -5.05 5.44
C ASP C 363 -24.89 -5.84 6.72
N LEU C 364 -23.94 -6.68 7.16
CA LEU C 364 -24.06 -7.51 8.37
C LEU C 364 -24.18 -6.65 9.63
N PHE C 365 -23.21 -5.75 9.83
CA PHE C 365 -23.21 -4.86 10.98
C PHE C 365 -23.75 -3.47 10.62
N ASP C 366 -25.08 -3.36 10.44
CA ASP C 366 -25.70 -2.07 10.15
C ASP C 366 -25.71 -1.27 11.46
N ARG C 367 -25.94 0.05 11.41
CA ARG C 367 -25.92 0.95 12.60
C ARG C 367 -24.47 1.06 13.14
N LEU C 368 -23.53 0.50 12.38
CA LEU C 368 -22.10 0.50 12.69
C LEU C 368 -21.23 0.73 11.46
N ASN C 369 -20.32 1.69 11.60
CA ASN C 369 -19.34 2.02 10.58
C ASN C 369 -17.99 2.15 11.29
N THR C 370 -16.94 2.56 10.56
CA THR C 370 -15.61 2.74 11.13
C THR C 370 -15.47 3.90 12.09
N GLY C 371 -16.26 4.95 11.86
CA GLY C 371 -16.25 6.14 12.71
C GLY C 371 -16.90 5.93 14.08
N ILE C 372 -17.88 5.03 14.15
CA ILE C 372 -18.59 4.71 15.40
C ILE C 372 -17.70 3.80 16.27
N LEU C 373 -17.03 2.85 15.62
CA LEU C 373 -16.12 1.92 16.27
C LEU C 373 -14.90 2.66 16.85
N ASN C 374 -14.35 3.59 16.08
CA ASN C 374 -13.20 4.39 16.48
C ASN C 374 -13.51 5.48 17.50
N LYS C 375 -14.79 5.89 17.56
CA LYS C 375 -15.24 6.92 18.51
C LYS C 375 -15.31 6.28 19.91
N HIS C 376 -15.62 4.97 19.93
CA HIS C 376 -15.72 4.19 21.15
C HIS C 376 -14.32 3.83 21.64
N LEU C 377 -13.44 3.47 20.70
CA LEU C 377 -12.07 3.10 21.00
C LEU C 377 -11.23 4.24 21.55
N GLN C 378 -11.68 5.48 21.28
CA GLN C 378 -11.03 6.70 21.75
C GLN C 378 -11.46 6.97 23.20
N ASP C 379 -12.62 6.46 23.58
CA ASP C 379 -13.16 6.63 24.94
C ASP C 379 -12.57 5.62 25.91
N LEU C 380 -12.00 4.53 25.37
CA LEU C 380 -11.36 3.49 26.19
C LEU C 380 -9.89 3.84 26.45
N MET C 381 -9.16 4.13 25.37
CA MET C 381 -7.74 4.49 25.42
C MET C 381 -7.48 5.64 24.44
N GLU C 382 -6.67 6.62 24.87
CA GLU C 382 -6.33 7.78 24.05
C GLU C 382 -5.47 7.42 22.84
N GLY C 383 -5.95 7.84 21.67
CA GLY C 383 -5.26 7.59 20.41
C GLY C 383 -5.43 6.20 19.85
N LEU C 384 -6.43 5.47 20.34
CA LEU C 384 -6.69 4.12 19.86
C LEU C 384 -7.69 4.06 18.69
N THR C 385 -7.26 3.41 17.62
CA THR C 385 -8.07 3.22 16.43
C THR C 385 -8.07 1.72 16.19
N ALA C 386 -8.88 1.26 15.23
CA ALA C 386 -9.00 -0.16 14.92
C ALA C 386 -7.77 -0.87 14.32
N LYS C 387 -6.92 -0.14 13.60
CA LYS C 387 -5.72 -0.72 13.00
C LYS C 387 -4.60 -0.96 14.01
N VAL C 388 -4.75 -0.42 15.22
CA VAL C 388 -3.75 -0.58 16.27
C VAL C 388 -3.78 -2.02 16.80
N PHE C 389 -4.92 -2.69 16.62
CA PHE C 389 -5.08 -4.07 17.03
C PHE C 389 -4.27 -5.00 16.13
N ARG C 390 -4.15 -4.59 14.86
CA ARG C 390 -3.41 -5.33 13.84
C ARG C 390 -1.91 -5.20 14.11
N THR C 391 -1.49 -4.00 14.49
CA THR C 391 -0.10 -3.71 14.81
C THR C 391 0.27 -4.44 16.12
N TYR C 392 -0.64 -4.43 17.10
CA TYR C 392 -0.43 -5.11 18.39
C TYR C 392 -0.26 -6.62 18.21
N ASN C 393 -1.20 -7.24 17.52
CA ASN C 393 -1.20 -8.69 17.28
C ASN C 393 0.00 -9.17 16.50
N ALA C 394 0.37 -8.42 15.47
CA ALA C 394 1.52 -8.77 14.65
C ALA C 394 2.82 -8.71 15.45
N SER C 395 3.05 -7.58 16.13
CA SER C 395 4.25 -7.40 16.93
C SER C 395 4.41 -8.37 18.11
N ILE C 396 3.31 -8.63 18.84
CA ILE C 396 3.35 -9.55 19.98
C ILE C 396 3.52 -11.02 19.55
N THR C 397 3.03 -11.38 18.37
CA THR C 397 3.16 -12.74 17.85
C THR C 397 4.61 -13.02 17.44
N LEU C 398 5.29 -12.01 16.89
CA LEU C 398 6.71 -12.13 16.51
C LEU C 398 7.56 -12.32 17.75
N GLN C 399 7.31 -11.51 18.79
CA GLN C 399 8.04 -11.59 20.06
C GLN C 399 7.87 -12.97 20.70
N GLN C 400 6.61 -13.43 20.76
CA GLN C 400 6.19 -14.73 21.32
C GLN C 400 6.83 -15.90 20.56
N GLN C 401 6.70 -15.88 19.23
CA GLN C 401 7.24 -16.92 18.38
C GLN C 401 8.75 -16.98 18.28
N LEU C 402 9.42 -15.84 18.46
CA LEU C 402 10.89 -15.78 18.44
C LEU C 402 11.45 -16.44 19.69
N LYS C 403 10.73 -16.24 20.80
CA LYS C 403 11.09 -16.83 22.09
C LYS C 403 10.87 -18.35 22.02
N GLU C 404 9.78 -18.75 21.36
CA GLU C 404 9.42 -20.15 21.21
C GLU C 404 10.16 -20.98 20.16
N LEU C 405 10.67 -20.34 19.11
CA LEU C 405 11.37 -21.05 18.04
C LEU C 405 12.90 -20.98 18.01
N THR C 406 13.48 -20.10 18.82
CA THR C 406 14.95 -19.97 18.87
C THR C 406 15.50 -20.78 20.04
N ALA C 407 16.49 -21.63 19.74
CA ALA C 407 17.12 -22.49 20.71
C ALA C 407 18.61 -22.13 20.86
N PRO C 408 19.17 -22.19 22.09
CA PRO C 408 20.58 -21.86 22.38
C PRO C 408 21.68 -22.63 21.65
N ASP C 409 21.40 -23.89 21.33
CA ASP C 409 22.35 -24.79 20.67
C ASP C 409 22.52 -24.64 19.15
N GLU C 410 21.65 -23.85 18.52
CA GLU C 410 21.69 -23.63 17.07
C GLU C 410 22.71 -22.60 16.59
N ASN C 411 23.12 -22.75 15.34
CA ASN C 411 24.10 -21.88 14.68
C ASN C 411 23.45 -20.64 14.02
N ILE C 412 24.29 -19.67 13.61
CA ILE C 412 23.84 -18.42 12.97
C ILE C 412 22.95 -18.62 11.71
N PRO C 413 23.30 -19.54 10.76
CA PRO C 413 22.40 -19.69 9.60
C PRO C 413 21.07 -20.37 9.96
N ALA C 414 21.08 -21.16 11.04
CA ALA C 414 19.91 -21.88 11.52
C ALA C 414 18.98 -21.00 12.35
N LYS C 415 19.54 -19.90 12.87
CA LYS C 415 18.80 -18.93 13.67
C LYS C 415 17.97 -18.03 12.75
N ILE C 416 18.47 -17.83 11.53
CA ILE C 416 17.79 -17.02 10.52
C ILE C 416 16.52 -17.75 10.05
N LEU C 417 16.57 -19.09 10.07
CA LEU C 417 15.45 -19.96 9.70
C LEU C 417 14.34 -19.73 10.71
N SER C 418 14.73 -19.71 11.99
CA SER C 418 13.83 -19.50 13.12
C SER C 418 13.18 -18.12 13.14
N TYR C 419 13.91 -17.11 12.69
CA TYR C 419 13.39 -15.74 12.61
C TYR C 419 12.33 -15.69 11.52
N ASN C 420 12.65 -16.27 10.36
CA ASN C 420 11.75 -16.31 9.21
C ASN C 420 10.54 -17.21 9.46
N ARG C 421 10.66 -18.14 10.41
CA ARG C 421 9.58 -19.06 10.78
C ARG C 421 8.60 -18.38 11.71
N ALA C 422 9.11 -17.40 12.46
CA ALA C 422 8.34 -16.59 13.38
C ALA C 422 7.63 -15.49 12.58
N ASN C 423 8.31 -14.99 11.55
CA ASN C 423 7.81 -13.95 10.65
C ASN C 423 6.69 -14.54 9.80
N ARG C 424 6.79 -15.84 9.54
CA ARG C 424 5.80 -16.59 8.75
C ARG C 424 4.45 -16.62 9.45
N ALA C 425 4.47 -16.84 10.77
CA ALA C 425 3.26 -16.89 11.60
C ALA C 425 2.53 -15.56 11.65
N VAL C 426 3.30 -14.47 11.57
CA VAL C 426 2.76 -13.10 11.57
C VAL C 426 2.06 -12.82 10.23
N ALA C 427 2.64 -13.36 9.17
CA ALA C 427 2.12 -13.19 7.83
C ALA C 427 0.85 -14.02 7.58
N ILE C 428 0.71 -15.16 8.29
CA ILE C 428 -0.46 -16.03 8.18
C ILE C 428 -1.66 -15.39 8.90
N LEU C 429 -1.37 -14.76 10.05
CA LEU C 429 -2.36 -14.07 10.88
C LEU C 429 -2.89 -12.82 10.16
N CYS C 430 -1.97 -12.08 9.54
CA CYS C 430 -2.30 -10.85 8.82
C CYS C 430 -2.80 -11.08 7.38
N ASN C 431 -2.79 -12.35 6.95
CA ASN C 431 -3.22 -12.81 5.60
C ASN C 431 -2.43 -12.17 4.43
N HIS C 432 -1.11 -12.08 4.61
CA HIS C 432 -0.24 -11.53 3.59
C HIS C 432 0.18 -12.66 2.64
N GLN C 433 -0.56 -12.77 1.54
CA GLN C 433 -0.33 -13.79 0.53
C GLN C 433 0.64 -13.44 -0.59
N GLN C 434 1.20 -14.50 -1.19
CA GLN C 434 2.14 -14.44 -2.31
C GLN C 434 1.69 -15.57 -3.23
N ALA C 435 1.19 -15.23 -4.42
CA ALA C 435 0.72 -16.22 -5.40
C ALA C 435 1.85 -17.17 -5.85
N PRO C 436 1.55 -18.49 -6.01
CA PRO C 436 2.53 -19.52 -6.42
C PRO C 436 3.40 -19.21 -7.65
N ARG C 508 10.94 -23.35 1.88
CA ARG C 508 10.46 -22.87 0.58
C ARG C 508 9.11 -23.48 0.21
N GLU C 509 8.77 -24.60 0.85
CA GLU C 509 7.49 -25.28 0.64
C GLU C 509 6.48 -24.68 1.63
N GLU C 510 7.02 -24.11 2.70
CA GLU C 510 6.23 -23.45 3.76
C GLU C 510 5.85 -22.05 3.29
N ASN C 511 6.86 -21.27 2.90
CA ASN C 511 6.71 -19.89 2.44
C ASN C 511 6.35 -19.83 0.93
N LYS C 512 5.63 -20.86 0.48
CA LYS C 512 5.17 -21.02 -0.90
C LYS C 512 4.08 -20.01 -1.26
N GLN C 513 3.10 -19.87 -0.36
CA GLN C 513 1.98 -18.95 -0.54
C GLN C 513 1.95 -17.77 0.43
N ILE C 514 3.05 -17.59 1.19
CA ILE C 514 3.15 -16.51 2.19
C ILE C 514 4.18 -15.43 1.83
N ALA C 515 3.86 -14.17 2.19
CA ALA C 515 4.71 -13.02 1.93
C ALA C 515 5.14 -12.34 3.24
N LEU C 516 6.44 -12.29 3.47
CA LEU C 516 7.03 -11.70 4.68
C LEU C 516 7.24 -10.19 4.65
N GLY C 517 7.39 -9.64 3.45
CA GLY C 517 7.65 -8.22 3.26
C GLY C 517 6.78 -7.18 3.94
N THR C 518 5.46 -7.25 3.74
CA THR C 518 4.51 -6.29 4.34
C THR C 518 4.60 -6.17 5.85
N SER C 519 4.62 -7.29 6.57
CA SER C 519 4.70 -7.26 8.04
C SER C 519 6.07 -6.78 8.53
N LYS C 520 7.15 -7.31 7.93
CA LYS C 520 8.56 -6.98 8.25
C LYS C 520 8.85 -5.49 8.18
N LEU C 521 8.06 -4.77 7.39
CA LEU C 521 8.23 -3.33 7.23
C LEU C 521 7.13 -2.44 7.75
N ASN C 522 5.92 -2.97 7.97
CA ASN C 522 4.81 -2.12 8.42
C ASN C 522 4.04 -2.42 9.71
N PTR C 523 3.92 -3.73 9.51
CA PTR C 523 3.51 -4.23 10.78
C PTR C 523 4.92 -4.39 11.84
O PTR C 523 4.48 -4.71 13.05
CB PTR C 523 2.39 -5.23 10.99
CG PTR C 523 1.24 -4.90 10.11
CD1 PTR C 523 1.26 -5.20 8.74
CD2 PTR C 523 0.16 -4.14 10.62
CE1 PTR C 523 0.23 -4.74 7.89
CE2 PTR C 523 -0.85 -3.68 9.79
CZ PTR C 523 -0.81 -3.98 8.43
OH PTR C 523 -1.80 -3.45 7.67
P PTR C 523 -2.19 -3.94 6.22
O1P PTR C 523 -2.43 -5.40 6.11
O2P PTR C 523 -3.21 -3.01 5.67
O3P PTR C 523 -0.88 -3.67 5.35
N LEU C 524 6.07 -4.92 12.24
CA LEU C 524 6.81 -5.46 13.36
C LEU C 524 7.74 -4.40 13.94
N ASP C 525 7.52 -4.08 15.24
CA ASP C 525 8.34 -3.13 15.98
C ASP C 525 9.73 -3.66 15.77
N PRO C 526 10.60 -2.87 15.11
CA PRO C 526 11.98 -3.29 14.84
C PRO C 526 12.83 -3.55 16.06
N ARG C 527 12.44 -2.98 17.20
CA ARG C 527 13.18 -3.16 18.43
C ARG C 527 13.11 -4.61 18.94
N ILE C 528 12.06 -5.33 18.56
CA ILE C 528 11.87 -6.74 18.93
C ILE C 528 12.95 -7.58 18.23
N THR C 529 13.27 -7.19 16.99
CA THR C 529 14.27 -7.85 16.17
C THR C 529 15.67 -7.48 16.63
N VAL C 530 15.85 -6.22 17.05
CA VAL C 530 17.16 -5.77 17.50
C VAL C 530 17.51 -6.43 18.83
N ALA C 531 16.47 -6.64 19.66
CA ALA C 531 16.62 -7.31 20.94
C ALA C 531 17.01 -8.76 20.70
N TRP C 532 16.31 -9.40 19.74
CA TRP C 532 16.55 -10.79 19.37
C TRP C 532 17.98 -11.00 18.85
N CYS C 533 18.40 -10.11 17.96
CA CYS C 533 19.73 -10.14 17.34
C CYS C 533 20.91 -9.93 18.28
N LYS C 534 20.74 -9.05 19.27
CA LYS C 534 21.82 -8.80 20.23
C LYS C 534 21.90 -9.91 21.28
N LYS C 535 20.79 -10.63 21.45
CA LYS C 535 20.70 -11.74 22.40
C LYS C 535 21.36 -13.01 21.85
N TRP C 536 21.09 -13.31 20.59
CA TRP C 536 21.62 -14.53 19.96
C TRP C 536 22.90 -14.40 19.13
N GLY C 537 23.45 -13.19 19.10
CA GLY C 537 24.68 -12.93 18.37
C GLY C 537 24.57 -12.91 16.86
N VAL C 538 23.37 -12.64 16.36
CA VAL C 538 23.09 -12.57 14.93
C VAL C 538 23.25 -11.10 14.53
N PRO C 539 24.19 -10.77 13.61
CA PRO C 539 24.34 -9.37 13.21
C PRO C 539 23.13 -8.90 12.39
N ILE C 540 22.64 -7.69 12.67
CA ILE C 540 21.45 -7.11 12.02
C ILE C 540 21.38 -7.11 10.49
N GLU C 541 22.55 -7.17 9.84
CA GLU C 541 22.65 -7.20 8.38
C GLU C 541 22.14 -8.51 7.78
N LYS C 542 22.08 -9.56 8.61
CA LYS C 542 21.60 -10.88 8.20
C LYS C 542 20.08 -10.92 8.18
N ILE C 543 19.46 -9.98 8.90
CA ILE C 543 18.01 -9.84 8.99
C ILE C 543 17.51 -8.66 8.13
N TYR C 544 18.06 -7.47 8.37
CA TYR C 544 17.68 -6.26 7.63
C TYR C 544 18.71 -5.88 6.57
N ASN C 545 18.23 -5.62 5.35
CA ASN C 545 19.10 -5.20 4.26
C ASN C 545 19.43 -3.71 4.35
N LYS C 546 20.18 -3.21 3.37
CA LYS C 546 20.61 -1.82 3.28
C LYS C 546 19.51 -0.77 3.50
N THR C 547 18.44 -0.86 2.72
CA THR C 547 17.31 0.08 2.81
C THR C 547 16.49 0.00 4.12
N GLN C 548 16.27 -1.22 4.62
CA GLN C 548 15.53 -1.47 5.87
C GLN C 548 16.32 -1.01 7.10
N ARG C 549 17.64 -1.12 7.02
CA ARG C 549 18.56 -0.71 8.10
C ARG C 549 18.55 0.80 8.30
N GLU C 550 18.23 1.52 7.22
CA GLU C 550 18.15 2.98 7.21
C GLU C 550 16.81 3.45 7.76
N LYS C 551 15.75 2.68 7.46
CA LYS C 551 14.39 2.95 7.94
C LYS C 551 14.28 2.68 9.45
N PHE C 552 14.94 1.63 9.88
CA PHE C 552 14.90 1.20 11.27
C PHE C 552 16.14 1.60 12.07
N ALA C 553 16.84 2.62 11.60
CA ALA C 553 18.08 3.11 12.24
C ALA C 553 17.93 3.48 13.71
N TRP C 554 16.77 4.08 14.05
CA TRP C 554 16.45 4.50 15.41
C TRP C 554 16.42 3.33 16.39
N ALA C 555 15.87 2.22 15.94
CA ALA C 555 15.75 1.00 16.71
C ALA C 555 17.10 0.30 16.89
N ILE C 556 17.85 0.21 15.79
CA ILE C 556 19.17 -0.45 15.76
C ILE C 556 20.20 0.24 16.66
N ASP C 557 20.08 1.55 16.79
CA ASP C 557 20.99 2.34 17.62
C ASP C 557 20.53 2.24 19.08
N MET C 558 19.39 2.87 19.34
CA MET C 558 18.77 2.92 20.65
C MET C 558 17.86 1.70 20.86
N ALA C 559 18.41 0.71 21.55
CA ALA C 559 17.74 -0.56 21.95
C ALA C 559 18.75 -1.54 22.54
N ASP C 560 18.34 -2.18 23.63
CA ASP C 560 19.17 -3.18 24.31
C ASP C 560 18.70 -4.59 23.94
N GLU C 561 19.29 -5.60 24.59
CA GLU C 561 18.94 -7.01 24.39
C GLU C 561 17.68 -7.31 25.20
N ASP C 562 17.45 -6.43 26.17
CA ASP C 562 16.34 -6.53 27.12
C ASP C 562 15.04 -5.84 26.73
N TYR C 563 14.87 -5.51 25.45
CA TYR C 563 13.63 -4.86 25.02
C TYR C 563 12.43 -5.81 25.03
N GLU C 564 11.36 -5.32 25.64
CA GLU C 564 10.11 -6.04 25.77
C GLU C 564 9.00 -5.17 25.23
N PHE C 565 8.20 -5.72 24.31
CA PHE C 565 7.07 -5.01 23.73
C PHE C 565 6.06 -4.86 24.86
C25 TTG D . 1.42 -5.09 -0.83
C31 TTG D . 1.66 -5.40 -2.31
C21 TTG D . 0.59 -3.80 -0.52
O24 TTG D . -0.44 -3.67 -1.48
C16 TTG D . 1.59 -2.54 -0.58
C20 TTG D . -0.19 -3.95 0.91
C15 TTG D . 2.50 -2.13 0.42
C17 TTG D . 1.62 -1.72 -1.74
O23 TTG D . -1.05 -3.13 1.29
O22 TTG D . 0.07 -4.93 1.69
C14 TTG D . 3.43 -0.86 0.23
C19 TTG D . 2.62 -2.90 1.75
C13 TTG D . 2.46 -0.60 -1.91
O18 TTG D . 4.23 -0.47 1.07
N12 TTG D . 3.32 -0.21 -0.97
C9 TTG D . 2.55 0.24 -3.02
C11 TTG D . 4.10 1.02 -1.36
C8 TTG D . 3.55 1.28 -2.72
N10 TTG D . 1.87 0.23 -4.18
C7 TTG D . 3.84 2.25 -3.62
C5 TTG D . 2.16 1.24 -5.13
C6 TTG D . 3.13 2.27 -4.88
C4 TTG D . 1.46 1.21 -6.30
C1 TTG D . 3.37 3.26 -5.90
C3 TTG D . 1.68 2.19 -7.29
C2 TTG D . 2.62 3.20 -7.09
C27 TTG D . 4.39 4.41 -5.79
N28 TTG D . 3.85 5.74 -5.39
C29 TTG D . 3.70 5.85 -3.89
C30 TTG D . 4.77 6.81 -5.89
O26 TTG D . 2.79 4.13 -8.11
O19 TTG D . 2.53 -2.11 2.93
C25 TTC E . 1.04 -5.00 -0.81
C31 TTC E . 1.39 -5.19 -2.32
C21 TTC E . 0.30 -3.65 -0.45
O24 TTC E . -0.87 -3.49 -1.21
C16 TTC E . 1.27 -2.46 -0.57
C20 TTC E . -0.16 -3.69 1.07
C15 TTC E . 2.08 -2.03 0.45
C17 TTC E . 1.35 -1.67 -1.75
O23 TTC E . -1.30 -4.08 1.42
O22 TTC E . 0.62 -3.29 2.03
C14 TTC E . 3.01 -0.82 0.34
C19 TTC E . 2.00 -2.81 1.75
C13 TTC E . 2.21 -0.56 -1.88
O18 TTC E . 3.72 -0.47 1.28
N12 TTC E . 2.99 -0.17 -0.86
C9 TTC E . 2.37 0.30 -2.99
C11 TTC E . 3.82 1.05 -1.20
C8 TTC E . 3.36 1.33 -2.63
N10 TTC E . 1.77 0.29 -4.18
C7 TTC E . 3.70 2.31 -3.53
C5 TTC E . 2.09 1.30 -5.13
C6 TTC E . 3.05 2.34 -4.83
C4 TTC E . 1.42 1.26 -6.35
C1 TTC E . 3.32 3.32 -5.85
C3 TTC E . 1.68 2.25 -7.32
C2 TTC E . 2.61 3.27 -7.08
C27 TTC E . 4.33 4.49 -5.68
N28 TTC E . 3.71 5.85 -5.56
C29 TTC E . 3.62 6.26 -4.12
C30 TTC E . 4.49 6.85 -6.36
O26 TTC E . 2.79 4.18 -8.12
#